data_3GYU
#
_entry.id   3GYU
#
_cell.length_a   120.946
_cell.length_b   120.946
_cell.length_c   40.757
_cell.angle_alpha   90.00
_cell.angle_beta   90.00
_cell.angle_gamma   120.00
#
_symmetry.space_group_name_H-M   'P 65'
#
loop_
_entity.id
_entity.type
_entity.pdbx_description
1 polymer 'Nuclear hormone receptor of the steroid/thyroid hormone receptors superfamily'
2 polymer SRC1
3 non-polymer '(5beta,14beta,17alpha,25R)-3-oxocholest-7-en-26-oic acid'
4 water water
#
loop_
_entity_poly.entity_id
_entity_poly.type
_entity_poly.pdbx_seq_one_letter_code
_entity_poly.pdbx_strand_id
1 'polypeptide(L)'
;GSYTLSEKDLKELDSIRDSFQC(MSE)NEPLDNDQQASTLAKKEHNPTDILNV(MSE)DIT(MSE)RRLVK(MSE)AKRL
GAFNEISEAGKFSLLKGG(MSE)IE(MSE)LTIRGVTVFNADKGVWQTPVDGHSQISFN(MSE)FDKLRPDIKDTQKKGF
LHFFNLLHSDVRKNDLAIDIIVL(MSE)VLFDSKREGLVSQQDKETVEKLHRNYESLLHRYLYSIHKEEAEQRFASIPKA
LVALRKVAENAVTLFLGAGNTTEAASLPKEFFATNY
;
A
2 'polypeptide(L)' AQQKSLLQQLLTE B
#
# COMPACT_ATOMS: atom_id res chain seq x y z
N TYR A 3 -22.32 -11.00 -14.76
CA TYR A 3 -23.64 -10.63 -14.23
C TYR A 3 -23.57 -10.05 -12.80
N THR A 4 -24.73 -9.83 -12.19
CA THR A 4 -24.79 -9.18 -10.90
C THR A 4 -24.14 -10.01 -9.77
N LEU A 5 -23.82 -9.31 -8.69
CA LEU A 5 -23.24 -9.94 -7.54
C LEU A 5 -24.29 -10.45 -6.61
N SER A 6 -24.04 -11.55 -5.94
CA SER A 6 -24.90 -12.02 -4.92
C SER A 6 -24.95 -11.07 -3.71
N GLU A 7 -26.00 -11.19 -2.91
CA GLU A 7 -26.09 -10.35 -1.72
C GLU A 7 -25.00 -10.55 -0.67
N LYS A 8 -24.54 -11.75 -0.60
CA LYS A 8 -23.40 -12.07 0.21
C LYS A 8 -22.07 -11.30 -0.25
N ASP A 9 -21.79 -11.29 -1.54
CA ASP A 9 -20.68 -10.50 -2.01
C ASP A 9 -20.84 -9.05 -1.71
N LEU A 10 -22.05 -8.52 -1.83
CA LEU A 10 -22.28 -7.10 -1.63
C LEU A 10 -22.03 -6.77 -0.17
N LYS A 11 -22.35 -7.71 0.70
CA LYS A 11 -22.15 -7.54 2.10
C LYS A 11 -20.67 -7.47 2.34
N GLU A 12 -19.90 -8.32 1.66
CA GLU A 12 -18.48 -8.28 1.84
C GLU A 12 -17.88 -6.98 1.33
N LEU A 13 -18.30 -6.54 0.16
CA LEU A 13 -17.84 -5.30 -0.37
C LEU A 13 -18.22 -4.05 0.54
N ASP A 14 -19.36 -4.11 1.22
CA ASP A 14 -19.67 -3.09 2.19
C ASP A 14 -18.64 -3.10 3.29
N SER A 15 -18.28 -4.29 3.78
CA SER A 15 -17.31 -4.42 4.85
C SER A 15 -15.97 -3.88 4.41
N ILE A 16 -15.52 -4.23 3.21
CA ILE A 16 -14.27 -3.73 2.67
C ILE A 16 -14.33 -2.20 2.49
N ARG A 17 -15.38 -1.69 1.88
CA ARG A 17 -15.61 -0.19 1.79
C ARG A 17 -15.49 0.50 3.19
N ASP A 18 -16.12 0.00 4.22
CA ASP A 18 -15.92 0.58 5.52
C ASP A 18 -14.45 0.52 6.09
N SER A 19 -13.75 -0.59 5.95
CA SER A 19 -12.32 -0.68 6.32
C SER A 19 -11.43 0.34 5.67
N PHE A 20 -11.59 0.62 4.39
CA PHE A 20 -10.76 1.62 3.71
C PHE A 20 -11.27 3.06 3.72
N GLN A 21 -12.36 3.31 4.41
CA GLN A 21 -12.92 4.68 4.35
C GLN A 21 -12.09 5.68 5.14
N CYS A 22 -11.22 5.16 6.00
CA CYS A 22 -10.24 5.95 6.71
C CYS A 22 -9.07 6.45 5.85
N ASN A 24 -9.00 7.91 2.69
CA ASN A 24 -9.21 9.20 2.05
C ASN A 24 -9.98 10.16 2.94
N GLU A 25 -9.35 10.70 3.96
CA GLU A 25 -10.05 11.56 4.89
C GLU A 25 -9.16 12.64 5.39
N PRO A 26 -9.76 13.76 5.79
CA PRO A 26 -8.93 14.91 6.12
C PRO A 26 -8.05 14.64 7.31
N LEU A 27 -6.84 15.21 7.30
CA LEU A 27 -5.95 15.09 8.42
C LEU A 27 -6.42 16.03 9.50
N ASP A 28 -6.47 15.57 10.74
CA ASP A 28 -6.90 16.49 11.77
C ASP A 28 -5.66 17.03 12.41
N ASN A 29 -4.53 16.90 11.72
CA ASN A 29 -3.27 17.42 12.21
C ASN A 29 -2.83 18.56 11.32
N ASP A 30 -2.01 19.48 11.86
CA ASP A 30 -1.61 20.70 11.14
C ASP A 30 -0.15 20.63 10.68
N GLN A 31 0.65 19.91 11.44
CA GLN A 31 2.03 19.66 11.07
C GLN A 31 2.05 18.69 9.89
N GLN A 32 1.15 17.69 9.96
CA GLN A 32 0.90 16.77 8.84
C GLN A 32 0.34 17.44 7.58
N ALA A 33 -0.64 18.34 7.74
CA ALA A 33 -1.23 19.01 6.57
C ALA A 33 -0.26 20.02 6.03
N SER A 34 0.68 20.40 6.89
CA SER A 34 1.65 21.39 6.53
C SER A 34 2.73 20.78 5.69
N THR A 35 3.13 19.56 6.06
CA THR A 35 4.12 18.79 5.27
C THR A 35 3.57 18.47 3.87
N LEU A 36 2.31 18.09 3.77
CA LEU A 36 1.73 17.93 2.45
C LEU A 36 1.63 19.20 1.60
N ALA A 37 1.01 20.26 2.10
CA ALA A 37 0.82 21.48 1.31
C ALA A 37 2.17 22.11 0.98
N LYS A 38 3.25 21.57 1.53
CA LYS A 38 4.61 22.09 1.29
C LYS A 38 5.03 22.11 -0.18
N LYS A 39 5.34 23.29 -0.70
CA LYS A 39 5.75 23.41 -2.11
C LYS A 39 6.92 22.49 -2.40
N GLU A 40 7.73 22.19 -1.38
CA GLU A 40 8.96 21.39 -1.57
C GLU A 40 9.02 20.19 -0.68
N HIS A 41 9.43 19.06 -1.26
CA HIS A 41 9.61 17.82 -0.49
C HIS A 41 11.01 17.24 -0.53
N ASN A 42 11.82 17.49 0.50
CA ASN A 42 13.12 16.88 0.61
C ASN A 42 12.96 15.46 1.25
N PRO A 43 14.05 14.73 1.45
CA PRO A 43 13.93 13.35 2.00
C PRO A 43 13.20 13.25 3.37
N THR A 44 13.51 14.14 4.27
CA THR A 44 12.87 14.24 5.51
C THR A 44 11.34 14.39 5.39
N ASP A 45 10.89 15.24 4.50
CA ASP A 45 9.48 15.44 4.21
C ASP A 45 8.83 14.24 3.62
N ILE A 46 9.49 13.55 2.72
CA ILE A 46 8.92 12.32 2.17
C ILE A 46 8.70 11.26 3.23
N LEU A 47 9.62 11.14 4.17
CA LEU A 47 9.48 10.21 5.24
C LEU A 47 8.27 10.59 6.11
N ASN A 48 8.08 11.87 6.37
CA ASN A 48 6.97 12.38 7.14
C ASN A 48 5.62 12.09 6.46
N VAL A 49 5.55 12.24 5.14
CA VAL A 49 4.36 11.95 4.38
C VAL A 49 4.03 10.42 4.48
N ASP A 51 4.66 8.42 6.79
CA ASP A 51 4.16 8.15 8.14
C ASP A 51 2.68 8.24 8.17
N ILE A 52 2.08 9.19 7.45
CA ILE A 52 0.64 9.39 7.36
C ILE A 52 -0.09 8.17 6.75
N THR A 53 0.32 7.75 5.57
CA THR A 53 -0.24 6.61 4.94
C THR A 53 0.00 5.35 5.77
N ARG A 55 0.39 4.94 9.08
CA ARG A 55 -0.42 4.89 10.30
C ARG A 55 -1.85 4.57 9.95
N ARG A 56 -2.29 5.12 8.84
CA ARG A 56 -3.61 4.86 8.35
C ARG A 56 -3.74 3.42 7.83
N LEU A 57 -2.65 2.89 7.33
CA LEU A 57 -2.65 1.55 6.83
C LEU A 57 -2.83 0.61 8.00
N VAL A 58 -2.17 0.91 9.11
CA VAL A 58 -2.18 0.10 10.32
C VAL A 58 -3.52 0.21 11.01
N LYS A 59 -4.08 1.40 11.06
CA LYS A 59 -5.44 1.52 11.53
C LYS A 59 -6.47 0.63 10.72
N ALA A 61 -5.84 -2.09 9.09
CA ALA A 61 -5.62 -3.50 9.34
C ALA A 61 -6.30 -3.91 10.69
N LYS A 62 -6.19 -3.07 11.72
CA LYS A 62 -6.83 -3.31 13.01
C LYS A 62 -8.37 -3.46 12.95
N ARG A 63 -9.02 -2.65 12.15
CA ARG A 63 -10.48 -2.63 12.02
C ARG A 63 -10.88 -3.67 10.95
N LEU A 64 -10.02 -4.64 10.74
CA LEU A 64 -10.39 -5.66 9.77
C LEU A 64 -10.64 -6.97 10.49
N GLY A 65 -11.87 -7.45 10.41
CA GLY A 65 -12.21 -8.71 10.97
C GLY A 65 -11.26 -9.85 10.63
N ALA A 66 -11.02 -10.03 9.34
CA ALA A 66 -10.12 -11.07 8.92
C ALA A 66 -8.72 -10.98 9.59
N PHE A 67 -8.27 -9.73 9.85
CA PHE A 67 -6.95 -9.47 10.38
C PHE A 67 -6.87 -9.90 11.82
N ASN A 68 -7.96 -9.63 12.53
CA ASN A 68 -8.07 -10.11 13.92
C ASN A 68 -8.26 -11.61 14.10
N GLU A 69 -8.24 -12.39 13.03
CA GLU A 69 -8.23 -13.86 13.10
C GLU A 69 -6.82 -14.43 13.21
N ILE A 70 -5.76 -13.61 13.10
CA ILE A 70 -4.39 -14.07 13.12
C ILE A 70 -3.83 -13.77 14.47
N SER A 71 -2.84 -14.53 14.89
CA SER A 71 -2.17 -14.31 16.14
C SER A 71 -1.42 -13.01 16.12
N GLU A 72 -1.02 -12.57 17.31
CA GLU A 72 -0.30 -11.31 17.46
C GLU A 72 1.00 -11.28 16.68
N ALA A 73 1.77 -12.31 16.83
CA ALA A 73 3.01 -12.43 16.14
C ALA A 73 2.76 -12.42 14.61
N GLY A 74 1.64 -12.97 14.19
CA GLY A 74 1.25 -13.01 12.79
C GLY A 74 0.85 -11.70 12.27
N LYS A 75 0.23 -10.89 13.09
CA LYS A 75 -0.15 -9.52 12.67
C LYS A 75 1.07 -8.66 12.36
N PHE A 76 2.08 -8.74 13.21
CA PHE A 76 3.28 -7.93 13.05
C PHE A 76 4.04 -8.32 11.82
N SER A 77 4.21 -9.61 11.60
CA SER A 77 4.85 -10.15 10.46
C SER A 77 4.15 -9.79 9.16
N LEU A 78 2.83 -9.74 9.17
CA LEU A 78 2.10 -9.36 7.97
C LEU A 78 2.30 -7.90 7.69
N LEU A 79 2.26 -7.06 8.71
CA LEU A 79 2.37 -5.64 8.46
C LEU A 79 3.76 -5.23 8.06
N LYS A 80 4.75 -5.57 8.88
CA LYS A 80 6.13 -5.34 8.57
C LYS A 80 6.52 -5.83 7.19
N GLY A 81 5.97 -6.96 6.80
CA GLY A 81 6.36 -7.51 5.52
C GLY A 81 5.63 -6.90 4.31
N GLY A 82 4.42 -6.40 4.47
CA GLY A 82 3.71 -5.83 3.30
C GLY A 82 3.51 -4.33 3.24
N ILE A 84 5.64 -1.72 2.69
CA ILE A 84 6.13 -0.95 1.51
C ILE A 84 5.34 -1.29 0.26
N GLU A 85 4.96 -2.55 0.14
CA GLU A 85 4.05 -2.99 -0.93
C GLU A 85 2.71 -2.28 -0.93
N LEU A 87 2.07 0.65 0.60
CA LEU A 87 2.36 2.03 0.26
C LEU A 87 2.45 2.22 -1.23
N THR A 88 3.15 1.32 -1.92
CA THR A 88 3.43 1.47 -3.32
C THR A 88 2.12 1.40 -4.08
N ILE A 89 1.24 0.46 -3.67
CA ILE A 89 -0.05 0.28 -4.27
C ILE A 89 -0.78 1.59 -4.11
N ARG A 90 -0.75 2.13 -2.91
CA ARG A 90 -1.41 3.38 -2.64
C ARG A 90 -0.85 4.47 -3.54
N GLY A 91 0.44 4.30 -3.86
CA GLY A 91 1.14 5.24 -4.71
C GLY A 91 0.67 5.18 -6.17
N VAL A 92 0.32 3.99 -6.59
CA VAL A 92 -0.24 3.76 -7.87
C VAL A 92 -1.56 4.41 -8.03
N THR A 93 -2.43 4.32 -7.02
CA THR A 93 -3.81 4.79 -7.09
C THR A 93 -3.95 6.30 -6.98
N VAL A 94 -3.00 7.02 -6.42
CA VAL A 94 -3.10 8.46 -6.41
C VAL A 94 -2.09 9.13 -7.34
N PHE A 95 -1.45 8.35 -8.20
CA PHE A 95 -0.44 8.91 -9.07
C PHE A 95 -0.99 9.35 -10.44
N ASN A 96 -0.52 10.53 -10.87
CA ASN A 96 -0.85 11.12 -12.14
C ASN A 96 0.28 10.91 -13.12
N ALA A 97 0.06 10.06 -14.11
CA ALA A 97 1.06 9.66 -15.08
C ALA A 97 1.62 10.83 -15.82
N ASP A 98 0.76 11.70 -16.40
CA ASP A 98 1.19 12.87 -17.23
C ASP A 98 1.75 14.03 -16.43
N LYS A 99 1.06 14.39 -15.37
CA LYS A 99 1.57 15.40 -14.52
C LYS A 99 2.90 15.01 -13.87
N GLY A 100 3.18 13.70 -13.71
CA GLY A 100 4.28 13.20 -12.83
C GLY A 100 4.26 13.58 -11.34
N VAL A 101 3.12 13.49 -10.69
CA VAL A 101 3.05 13.87 -9.29
C VAL A 101 2.00 13.00 -8.62
N TRP A 102 2.04 12.91 -7.29
CA TRP A 102 1.08 12.18 -6.56
C TRP A 102 0.08 13.18 -6.03
N GLN A 103 -1.21 12.95 -6.28
CA GLN A 103 -2.31 13.80 -5.80
C GLN A 103 -3.14 13.11 -4.72
N THR A 104 -3.02 13.50 -3.48
CA THR A 104 -3.81 12.85 -2.49
C THR A 104 -5.25 13.38 -2.42
N PRO A 105 -6.23 12.50 -2.32
CA PRO A 105 -7.62 12.89 -2.18
C PRO A 105 -7.93 13.53 -0.86
N VAL A 106 -7.10 13.32 0.13
CA VAL A 106 -7.36 13.89 1.43
C VAL A 106 -6.97 15.35 1.52
N ASP A 107 -6.25 15.85 0.54
CA ASP A 107 -5.69 17.21 0.62
C ASP A 107 -5.65 17.74 -0.81
N GLY A 108 -6.68 18.50 -1.20
CA GLY A 108 -6.67 19.15 -2.52
C GLY A 108 -5.51 20.14 -2.63
N HIS A 109 -5.11 20.43 -3.87
CA HIS A 109 -4.06 21.44 -4.10
C HIS A 109 -2.72 21.05 -3.42
N SER A 110 -2.54 19.74 -3.21
CA SER A 110 -1.33 19.23 -2.58
C SER A 110 -0.73 18.07 -3.40
N GLN A 111 0.48 18.30 -3.93
CA GLN A 111 1.11 17.40 -4.88
C GLN A 111 2.54 17.08 -4.47
N ILE A 112 2.99 15.90 -4.92
CA ILE A 112 4.32 15.41 -4.63
C ILE A 112 5.04 14.99 -5.85
N SER A 113 6.09 15.73 -6.17
CA SER A 113 6.86 15.48 -7.38
C SER A 113 7.41 14.03 -7.47
N PHE A 114 7.24 13.43 -8.62
CA PHE A 114 7.84 12.17 -8.90
C PHE A 114 9.36 12.27 -8.90
N ASN A 115 9.90 13.45 -9.06
CA ASN A 115 11.34 13.63 -9.14
C ASN A 115 11.98 13.81 -7.75
N PHE A 117 12.62 11.34 -6.21
CA PHE A 117 13.62 10.22 -6.26
C PHE A 117 15.05 10.74 -6.51
N ASP A 118 15.12 11.91 -7.15
CA ASP A 118 16.40 12.50 -7.56
C ASP A 118 17.21 12.93 -6.37
N LYS A 119 16.57 12.93 -5.21
CA LYS A 119 17.29 13.20 -3.94
C LYS A 119 17.74 11.98 -3.12
N LEU A 120 17.32 10.81 -3.56
CA LEU A 120 17.44 9.58 -2.80
C LEU A 120 18.73 8.86 -3.17
N ARG A 121 18.96 7.69 -2.63
CA ARG A 121 20.19 6.95 -2.93
C ARG A 121 20.49 7.07 -4.43
N PRO A 122 21.64 7.69 -4.76
CA PRO A 122 22.18 8.04 -6.11
C PRO A 122 22.32 6.92 -7.10
N ASP A 123 22.89 5.81 -6.68
CA ASP A 123 23.12 4.70 -7.58
C ASP A 123 21.92 3.81 -7.77
N ILE A 124 20.81 4.16 -7.14
CA ILE A 124 19.60 3.29 -7.19
C ILE A 124 18.36 4.08 -7.57
N LYS A 125 18.37 5.38 -7.38
CA LYS A 125 17.17 6.17 -7.65
C LYS A 125 16.61 5.90 -9.04
N ASP A 126 17.45 5.69 -10.05
CA ASP A 126 17.00 5.49 -11.46
C ASP A 126 16.24 4.17 -11.64
N THR A 127 16.77 3.09 -11.11
CA THR A 127 16.10 1.79 -11.09
C THR A 127 14.71 1.85 -10.39
N GLN A 128 14.61 2.57 -9.29
CA GLN A 128 13.38 2.60 -8.56
C GLN A 128 12.36 3.45 -9.26
N LYS A 129 12.80 4.48 -9.96
CA LYS A 129 11.88 5.29 -10.73
C LYS A 129 11.29 4.44 -11.83
N LYS A 130 12.17 3.72 -12.52
CA LYS A 130 11.75 2.93 -13.67
C LYS A 130 10.83 1.83 -13.16
N GLY A 131 11.20 1.16 -12.07
CA GLY A 131 10.41 0.07 -11.45
C GLY A 131 9.03 0.50 -10.95
N PHE A 132 8.87 1.76 -10.55
CA PHE A 132 7.60 2.25 -10.09
C PHE A 132 6.67 2.48 -11.27
N LEU A 133 7.14 3.11 -12.34
CA LEU A 133 6.35 3.32 -13.58
C LEU A 133 6.00 2.00 -14.22
N HIS A 134 6.86 1.00 -14.06
CA HIS A 134 6.57 -0.31 -14.59
C HIS A 134 5.35 -0.88 -13.87
N PHE A 135 5.35 -0.88 -12.55
CA PHE A 135 4.29 -1.51 -11.77
C PHE A 135 3.01 -0.80 -12.13
N PHE A 136 3.09 0.53 -12.20
CA PHE A 136 1.97 1.42 -12.49
C PHE A 136 1.41 1.03 -13.82
N ASN A 137 2.25 0.83 -14.82
CA ASN A 137 1.78 0.59 -16.16
C ASN A 137 1.17 -0.79 -16.31
N LEU A 138 1.41 -1.69 -15.35
CA LEU A 138 0.77 -3.03 -15.33
C LEU A 138 -0.61 -2.98 -14.70
N LEU A 139 -0.98 -1.94 -13.99
CA LEU A 139 -2.32 -1.83 -13.46
C LEU A 139 -3.11 -0.89 -14.38
N HIS A 140 -3.77 -1.44 -15.38
CA HIS A 140 -4.63 -0.66 -16.24
C HIS A 140 -5.45 0.40 -15.50
N SER A 141 -5.90 1.37 -16.28
CA SER A 141 -6.70 2.49 -15.80
C SER A 141 -8.00 2.04 -15.13
N ASP A 142 -8.81 1.27 -15.86
CA ASP A 142 -10.12 0.88 -15.39
C ASP A 142 -9.97 0.25 -14.02
N VAL A 143 -8.87 -0.47 -13.78
CA VAL A 143 -8.78 -1.21 -12.52
C VAL A 143 -8.19 -0.30 -11.48
N ARG A 144 -7.26 0.52 -11.89
CA ARG A 144 -6.61 1.44 -10.96
C ARG A 144 -7.61 2.49 -10.45
N LYS A 145 -8.60 2.83 -11.26
CA LYS A 145 -9.56 3.84 -10.85
C LYS A 145 -10.63 3.23 -9.95
N ASN A 146 -10.78 1.91 -9.94
CA ASN A 146 -11.80 1.26 -9.12
C ASN A 146 -11.35 1.00 -7.69
N ASP A 147 -11.88 1.82 -6.78
CA ASP A 147 -11.61 1.81 -5.39
C ASP A 147 -11.72 0.44 -4.85
N LEU A 148 -12.85 -0.23 -5.09
CA LEU A 148 -13.03 -1.53 -4.49
C LEU A 148 -11.99 -2.53 -5.01
N ALA A 149 -11.81 -2.57 -6.32
CA ALA A 149 -10.87 -3.43 -6.97
C ALA A 149 -9.47 -3.28 -6.33
N ILE A 150 -8.97 -2.06 -6.09
CA ILE A 150 -7.68 -1.92 -5.56
C ILE A 150 -7.68 -2.20 -4.11
N ASP A 151 -8.80 -1.95 -3.45
CA ASP A 151 -8.89 -2.30 -2.07
C ASP A 151 -8.78 -3.80 -1.92
N ILE A 152 -9.37 -4.56 -2.84
CA ILE A 152 -9.25 -6.00 -2.72
C ILE A 152 -7.76 -6.49 -2.91
N ILE A 153 -7.10 -5.95 -3.93
CA ILE A 153 -5.73 -6.29 -4.16
C ILE A 153 -4.85 -5.90 -3.00
N VAL A 154 -5.14 -4.78 -2.40
CA VAL A 154 -4.38 -4.39 -1.15
C VAL A 154 -4.53 -5.44 -0.07
N LEU A 155 -5.67 -6.10 0.02
CA LEU A 155 -5.86 -7.17 1.00
C LEU A 155 -5.20 -8.48 0.55
N VAL A 157 -2.26 -8.60 -0.98
CA VAL A 157 -0.85 -8.46 -0.75
C VAL A 157 -0.65 -8.45 0.75
N LEU A 158 -1.60 -7.90 1.47
CA LEU A 158 -1.49 -7.94 2.93
C LEU A 158 -1.46 -9.39 3.48
N PHE A 159 -2.38 -10.22 3.00
CA PHE A 159 -2.44 -11.62 3.45
C PHE A 159 -1.59 -12.50 2.60
N ASP A 160 -0.27 -12.34 2.76
CA ASP A 160 0.70 -13.07 2.03
C ASP A 160 1.22 -14.13 2.96
N SER A 161 0.90 -15.36 2.66
CA SER A 161 1.26 -16.48 3.52
C SER A 161 2.74 -16.74 3.63
N LYS A 162 3.55 -16.10 2.81
CA LYS A 162 4.99 -16.36 2.77
C LYS A 162 5.86 -15.26 3.43
N ARG A 163 5.25 -14.37 4.23
CA ARG A 163 5.98 -13.26 4.84
C ARG A 163 6.89 -13.89 5.86
N GLU A 164 8.05 -13.26 6.05
CA GLU A 164 8.99 -13.67 7.04
C GLU A 164 8.27 -13.53 8.36
N GLY A 165 8.28 -14.60 9.15
CA GLY A 165 7.69 -14.56 10.49
C GLY A 165 6.43 -15.32 10.69
N LEU A 166 5.67 -15.57 9.60
CA LEU A 166 4.48 -16.43 9.73
C LEU A 166 4.83 -17.89 9.90
N VAL A 167 5.19 -18.29 11.11
CA VAL A 167 5.62 -19.65 11.38
C VAL A 167 4.44 -20.49 11.89
N SER A 168 3.47 -19.87 12.54
CA SER A 168 2.32 -20.62 13.06
C SER A 168 1.57 -21.26 11.87
N GLN A 169 1.42 -22.58 11.88
CA GLN A 169 0.69 -23.29 10.90
C GLN A 169 -0.74 -22.81 10.81
N GLN A 170 -1.31 -22.46 11.95
CA GLN A 170 -2.63 -21.85 12.01
C GLN A 170 -2.68 -20.55 11.26
N ASP A 171 -1.77 -19.62 11.54
CA ASP A 171 -1.69 -18.30 10.84
C ASP A 171 -1.54 -18.53 9.36
N LYS A 172 -0.66 -19.43 9.00
CA LYS A 172 -0.42 -19.69 7.59
C LYS A 172 -1.64 -20.22 6.85
N GLU A 173 -2.30 -21.21 7.43
CA GLU A 173 -3.59 -21.70 6.95
C GLU A 173 -4.70 -20.58 6.82
N THR A 174 -4.96 -19.83 7.87
CA THR A 174 -5.97 -18.81 7.78
C THR A 174 -5.59 -17.72 6.78
N VAL A 175 -4.34 -17.31 6.75
CA VAL A 175 -3.91 -16.33 5.74
C VAL A 175 -4.11 -16.88 4.33
N GLU A 176 -3.82 -18.16 4.15
CA GLU A 176 -3.94 -18.77 2.83
C GLU A 176 -5.41 -18.75 2.42
N LYS A 177 -6.30 -19.08 3.34
CA LYS A 177 -7.73 -19.13 3.01
C LYS A 177 -8.28 -17.72 2.73
N LEU A 178 -7.88 -16.74 3.56
CA LEU A 178 -8.29 -15.40 3.37
C LEU A 178 -7.84 -14.88 1.99
N HIS A 179 -6.65 -15.26 1.61
CA HIS A 179 -6.13 -14.86 0.32
C HIS A 179 -6.88 -15.45 -0.83
N ARG A 180 -7.17 -16.73 -0.73
CA ARG A 180 -7.98 -17.39 -1.75
C ARG A 180 -9.36 -16.66 -1.89
N ASN A 181 -10.09 -16.47 -0.79
CA ASN A 181 -11.38 -15.79 -0.87
C ASN A 181 -11.37 -14.35 -1.41
N TYR A 182 -10.41 -13.57 -1.00
CA TYR A 182 -10.27 -12.24 -1.52
C TYR A 182 -10.03 -12.24 -3.02
N GLU A 183 -9.13 -13.10 -3.47
CA GLU A 183 -8.90 -13.24 -4.89
C GLU A 183 -10.17 -13.64 -5.73
N SER A 184 -10.92 -14.63 -5.22
CA SER A 184 -12.15 -15.05 -5.84
C SER A 184 -13.10 -13.84 -5.92
N LEU A 185 -13.27 -13.17 -4.81
CA LEU A 185 -14.12 -11.98 -4.77
C LEU A 185 -13.74 -11.06 -5.86
N LEU A 186 -12.47 -10.74 -5.94
CA LEU A 186 -12.00 -9.87 -7.05
C LEU A 186 -12.38 -10.45 -8.49
N HIS A 187 -12.23 -11.74 -8.66
CA HIS A 187 -12.59 -12.38 -9.86
C HIS A 187 -14.07 -12.11 -10.21
N ARG A 188 -14.99 -12.40 -9.28
CA ARG A 188 -16.37 -12.23 -9.56
C ARG A 188 -16.72 -10.75 -9.65
N TYR A 189 -16.07 -9.94 -8.83
CA TYR A 189 -16.26 -8.50 -8.90
C TYR A 189 -15.90 -7.90 -10.26
N LEU A 190 -14.75 -8.28 -10.80
CA LEU A 190 -14.35 -7.85 -12.11
C LEU A 190 -15.37 -8.19 -13.19
N TYR A 191 -15.94 -9.42 -13.17
CA TYR A 191 -16.97 -9.83 -14.16
C TYR A 191 -18.25 -9.02 -13.95
N SER A 192 -18.62 -8.71 -12.72
CA SER A 192 -19.82 -7.94 -12.47
C SER A 192 -19.77 -6.43 -12.94
N ILE A 193 -18.57 -5.82 -13.02
CA ILE A 193 -18.44 -4.46 -13.39
C ILE A 193 -17.97 -4.26 -14.81
N HIS A 194 -17.40 -5.28 -15.44
CA HIS A 194 -17.01 -5.15 -16.87
C HIS A 194 -16.71 -6.50 -17.48
N LYS A 195 -17.74 -7.26 -17.88
CA LYS A 195 -17.59 -8.62 -18.35
C LYS A 195 -16.69 -8.67 -19.60
N GLU A 196 -16.78 -7.64 -20.46
CA GLU A 196 -16.07 -7.52 -21.73
C GLU A 196 -14.64 -8.08 -21.66
N GLU A 197 -13.83 -7.59 -20.75
CA GLU A 197 -12.57 -8.28 -20.56
C GLU A 197 -12.16 -8.42 -19.11
N ALA A 198 -12.98 -9.05 -18.31
CA ALA A 198 -12.67 -9.33 -16.93
C ALA A 198 -11.57 -10.39 -16.80
N GLU A 199 -11.61 -11.39 -17.69
CA GLU A 199 -10.75 -12.54 -17.57
C GLU A 199 -9.31 -12.11 -17.82
N GLN A 200 -9.07 -11.36 -18.86
CA GLN A 200 -7.70 -10.98 -19.12
C GLN A 200 -7.16 -9.93 -18.11
N ARG A 201 -8.05 -9.12 -17.65
CA ARG A 201 -7.76 -8.20 -16.59
C ARG A 201 -7.39 -8.86 -15.29
N PHE A 202 -8.14 -9.85 -14.90
CA PHE A 202 -7.84 -10.65 -13.70
C PHE A 202 -6.57 -11.50 -13.82
N ALA A 203 -6.29 -11.96 -15.03
CA ALA A 203 -5.15 -12.85 -15.24
C ALA A 203 -3.82 -12.05 -15.30
N SER A 204 -3.91 -10.74 -15.44
CA SER A 204 -2.73 -9.92 -15.58
C SER A 204 -2.26 -9.38 -14.20
N ILE A 205 -3.18 -9.30 -13.21
CA ILE A 205 -2.81 -8.64 -11.95
C ILE A 205 -1.71 -9.42 -11.18
N PRO A 206 -1.66 -10.74 -11.29
CA PRO A 206 -0.59 -11.48 -10.62
C PRO A 206 0.80 -11.14 -11.19
N LYS A 207 0.85 -10.81 -12.45
CA LYS A 207 2.08 -10.36 -12.97
C LYS A 207 2.44 -9.00 -12.34
N ALA A 208 1.43 -8.14 -12.14
CA ALA A 208 1.69 -6.86 -11.61
C ALA A 208 2.17 -7.01 -10.16
N LEU A 209 1.68 -8.02 -9.47
CA LEU A 209 2.03 -8.19 -8.04
C LEU A 209 3.50 -8.65 -7.93
N VAL A 210 3.96 -9.29 -9.00
CA VAL A 210 5.35 -9.76 -9.03
C VAL A 210 6.27 -8.55 -9.18
N ALA A 211 5.88 -7.66 -10.05
CA ALA A 211 6.60 -6.40 -10.16
C ALA A 211 6.57 -5.54 -8.86
N LEU A 212 5.43 -5.53 -8.17
CA LEU A 212 5.27 -4.75 -6.94
C LEU A 212 6.26 -5.26 -5.90
N ARG A 213 6.36 -6.53 -5.77
CA ARG A 213 7.25 -7.16 -4.79
C ARG A 213 8.67 -6.73 -5.02
N LYS A 214 9.09 -6.85 -6.27
CA LYS A 214 10.43 -6.57 -6.62
C LYS A 214 10.72 -5.09 -6.37
N VAL A 215 9.88 -4.21 -6.88
CA VAL A 215 10.05 -2.75 -6.63
C VAL A 215 10.12 -2.32 -5.18
N ALA A 216 9.17 -2.84 -4.37
CA ALA A 216 9.19 -2.52 -2.93
C ALA A 216 10.43 -3.06 -2.19
N GLU A 217 10.83 -4.24 -2.56
CA GLU A 217 11.93 -4.93 -1.93
C GLU A 217 13.21 -4.10 -2.03
N ASN A 218 13.59 -3.60 -3.22
CA ASN A 218 14.81 -2.85 -3.26
C ASN A 218 14.60 -1.37 -3.05
N ALA A 219 13.67 -1.01 -2.17
CA ALA A 219 13.35 0.33 -1.89
C ALA A 219 13.88 0.73 -0.52
N VAL A 220 14.21 -0.30 0.27
CA VAL A 220 14.63 -0.16 1.69
C VAL A 220 15.83 0.73 1.97
N THR A 221 16.81 0.74 1.04
CA THR A 221 18.00 1.53 1.25
C THR A 221 17.95 2.89 0.58
N LEU A 222 16.81 3.24 0.01
CA LEU A 222 16.68 4.48 -0.77
C LEU A 222 17.14 5.75 -0.02
N PHE A 223 17.18 5.72 1.30
CA PHE A 223 17.50 6.88 2.10
C PHE A 223 18.94 6.88 2.54
N LEU A 224 19.72 5.92 2.05
CA LEU A 224 21.15 5.93 2.28
C LEU A 224 21.79 6.85 1.27
N GLY A 225 22.55 7.84 1.76
CA GLY A 225 23.12 8.87 0.92
C GLY A 225 22.20 10.01 0.56
N ALA A 226 21.10 10.16 1.29
CA ALA A 226 20.12 11.13 0.97
C ALA A 226 20.21 12.32 1.89
N GLY A 227 21.13 12.35 2.82
CA GLY A 227 21.19 13.44 3.72
C GLY A 227 20.55 13.19 5.09
N ASN A 228 20.74 14.18 5.95
CA ASN A 228 20.31 14.09 7.36
C ASN A 228 18.83 13.98 7.38
N THR A 229 18.34 12.89 8.01
CA THR A 229 16.91 12.67 8.18
C THR A 229 16.47 12.47 9.61
N THR A 230 17.31 12.85 10.56
CA THR A 230 17.11 12.60 11.98
C THR A 230 15.80 13.14 12.51
N GLU A 231 15.30 14.22 11.94
CA GLU A 231 14.10 14.79 12.42
C GLU A 231 12.86 14.14 11.78
N ALA A 232 13.05 13.22 10.85
CA ALA A 232 11.90 12.60 10.18
C ALA A 232 11.15 11.69 11.15
N ALA A 233 9.90 11.46 10.89
CA ALA A 233 9.09 10.53 11.66
C ALA A 233 9.80 9.20 11.84
N SER A 234 9.55 8.59 12.99
CA SER A 234 10.29 7.42 13.38
C SER A 234 9.79 6.14 12.79
N LEU A 235 8.48 6.08 12.60
CA LEU A 235 7.86 4.87 12.06
C LEU A 235 8.46 4.47 10.74
N PRO A 236 8.44 5.37 9.76
CA PRO A 236 8.96 5.01 8.43
C PRO A 236 10.43 4.58 8.48
N LYS A 237 11.19 5.07 9.45
CA LYS A 237 12.60 4.68 9.59
C LYS A 237 12.80 3.26 10.07
N GLU A 238 11.74 2.59 10.46
CA GLU A 238 11.86 1.19 10.83
C GLU A 238 11.85 0.33 9.62
N PHE A 239 11.42 0.88 8.48
CA PHE A 239 11.38 0.15 7.18
C PHE A 239 12.50 0.65 6.24
N PHE A 240 12.88 1.91 6.37
CA PHE A 240 13.89 2.48 5.51
C PHE A 240 15.21 2.69 6.26
N ALA A 241 16.29 2.06 5.82
CA ALA A 241 17.57 2.24 6.42
C ALA A 241 18.07 3.70 6.32
N THR A 242 18.81 4.13 7.34
CA THR A 242 19.37 5.48 7.46
C THR A 242 20.70 5.46 8.22
N ASN A 243 21.56 6.42 7.94
CA ASN A 243 22.85 6.49 8.71
C ASN A 243 22.77 7.52 9.79
N TYR A 244 21.56 8.01 10.04
CA TYR A 244 21.29 8.94 11.13
C TYR A 244 20.52 8.34 12.30
N LYS B 4 9.68 -0.68 22.28
CA LYS B 4 10.38 -1.70 21.44
C LYS B 4 9.61 -1.92 20.13
N SER B 5 9.90 -1.11 19.12
CA SER B 5 9.25 -1.21 17.82
C SER B 5 7.97 -0.44 17.92
N LEU B 6 7.96 0.74 17.33
CA LEU B 6 6.77 1.51 17.23
C LEU B 6 5.65 0.75 16.52
N LEU B 7 5.98 -0.05 15.50
CA LEU B 7 5.01 -0.89 14.76
C LEU B 7 4.22 -1.80 15.66
N GLN B 8 4.93 -2.50 16.51
CA GLN B 8 4.32 -3.36 17.46
C GLN B 8 3.47 -2.57 18.45
N GLN B 9 3.94 -1.43 18.91
CA GLN B 9 3.12 -0.71 19.85
C GLN B 9 1.86 -0.30 19.16
N LEU B 10 1.95 0.19 17.93
CA LEU B 10 0.72 0.67 17.26
C LEU B 10 -0.29 -0.46 17.18
N LEU B 11 0.18 -1.68 17.07
CA LEU B 11 -0.68 -2.85 16.93
C LEU B 11 -1.37 -3.12 18.25
N THR B 12 -0.60 -3.17 19.33
CA THR B 12 -1.11 -3.50 20.61
C THR B 12 -2.13 -2.47 21.06
N GLU B 13 -1.67 -1.25 21.30
CA GLU B 13 -2.59 -0.19 21.70
C GLU B 13 -3.73 -0.11 20.67
#